data_2C1C
#
_entry.id   2C1C
#
_cell.length_a   42.012
_cell.length_b   58.339
_cell.length_c   146.564
_cell.angle_alpha   90.00
_cell.angle_beta   89.87
_cell.angle_gamma   90.00
#
_symmetry.space_group_name_H-M   'P 1 21 1'
#
loop_
_entity.id
_entity.type
_entity.pdbx_description
1 polymer 'CARBOXYPEPTIDASE B'
2 non-polymer 'ZINC ION'
3 non-polymer 'YTTRIUM ION'
4 water water
#
_entity_poly.entity_id   1
_entity_poly.type   'polypeptide(L)'
_entity_poly.pdbx_seq_one_letter_code
;LPYDNYQELEVIDEYLDYIGEKYPDVATVVNAAESFEGRPIKYIKISTTNFEDENKPVIFIDGGIHAREWISPPSVTWAI
HKLVEDVTENDLLEKFDWILLPVVNPDGYKYTFTNERFWRKTRSTNNNPLSQICRGADGNRNFDFVWNSIGTSNSPCSDI
YAGTSAFSEVETRVVRDILHEHLARMALYLTMHSFGSMILYPWGHDGSLSQNALGLHTVGVAMASVIQSNALPNFPPYTV
GNSALVIGYYIAGSSEDYAHSIGVPLSYTYELPGLSSGWDGFHLPPQYIEQVCRETWEGIVVGARRAGDLFR
;
_entity_poly.pdbx_strand_id   A,B
#
# COMPACT_ATOMS: atom_id res chain seq x y z
N LEU A 1 7.33 14.62 42.60
CA LEU A 1 6.46 14.17 41.48
C LEU A 1 4.99 14.42 41.81
N PRO A 2 4.41 13.61 42.71
CA PRO A 2 2.99 13.79 43.02
C PRO A 2 2.09 14.38 41.95
N TYR A 3 1.73 13.48 41.03
CA TYR A 3 0.80 13.77 39.98
C TYR A 3 -0.38 13.02 40.58
N ASP A 4 -0.32 12.89 41.91
CA ASP A 4 -1.33 12.23 42.73
C ASP A 4 -2.29 13.27 43.29
N ASN A 5 -1.94 14.54 43.10
CA ASN A 5 -2.75 15.65 43.60
C ASN A 5 -2.73 16.86 42.69
N TYR A 6 -3.78 17.67 42.78
CA TYR A 6 -3.83 18.91 42.01
C TYR A 6 -2.96 19.87 42.80
N GLN A 7 -1.89 20.36 42.16
CA GLN A 7 -0.93 21.26 42.81
C GLN A 7 -1.30 22.72 42.80
N GLU A 8 -0.79 23.42 43.79
CA GLU A 8 -1.00 24.85 43.95
C GLU A 8 -0.26 25.59 42.82
N LEU A 9 -0.67 26.82 42.55
CA LEU A 9 -0.04 27.64 41.51
C LEU A 9 1.47 27.74 41.70
N GLU A 10 1.89 28.09 42.91
CA GLU A 10 3.30 28.23 43.24
C GLU A 10 4.11 26.98 42.95
N VAL A 11 3.49 25.82 43.07
CA VAL A 11 4.16 24.56 42.81
C VAL A 11 4.41 24.40 41.31
N ILE A 12 3.37 24.67 40.51
CA ILE A 12 3.47 24.59 39.05
C ILE A 12 4.57 25.55 38.61
N ASP A 13 4.49 26.80 39.09
CA ASP A 13 5.50 27.83 38.77
C ASP A 13 6.90 27.37 39.10
N GLU A 14 7.08 26.83 40.30
CA GLU A 14 8.38 26.38 40.78
C GLU A 14 8.89 25.19 39.97
N TYR A 15 7.98 24.48 39.33
CA TYR A 15 8.36 23.34 38.49
C TYR A 15 9.07 23.82 37.21
N LEU A 16 8.49 24.85 36.57
CA LEU A 16 9.09 25.40 35.36
C LEU A 16 10.48 25.94 35.73
N ASP A 17 10.58 26.61 36.88
CA ASP A 17 11.85 27.18 37.36
C ASP A 17 12.87 26.11 37.65
N TYR A 18 12.36 24.92 37.96
CA TYR A 18 13.21 23.79 38.26
C TYR A 18 13.73 23.23 36.93
N ILE A 19 12.82 23.08 35.96
CA ILE A 19 13.21 22.56 34.65
C ILE A 19 14.18 23.56 34.02
N GLY A 20 13.80 24.83 34.04
CA GLY A 20 14.67 25.86 33.50
C GLY A 20 16.07 25.87 34.09
N GLU A 21 16.17 25.66 35.40
CA GLU A 21 17.47 25.67 36.08
C GLU A 21 18.25 24.40 35.93
N LYS A 22 17.55 23.27 35.88
CA LYS A 22 18.23 21.98 35.76
C LYS A 22 18.66 21.68 34.32
N TYR A 23 17.81 22.03 33.35
CA TYR A 23 18.13 21.76 31.95
C TYR A 23 18.14 23.03 31.12
N PRO A 24 19.08 23.95 31.43
CA PRO A 24 19.20 25.22 30.71
C PRO A 24 19.62 25.11 29.23
N ASP A 25 20.21 23.98 28.86
CA ASP A 25 20.65 23.76 27.50
C ASP A 25 19.52 23.33 26.57
N VAL A 26 18.32 23.14 27.10
CA VAL A 26 17.21 22.73 26.26
C VAL A 26 15.94 23.47 26.64
N ALA A 27 15.88 23.95 27.87
CA ALA A 27 14.69 24.66 28.33
C ALA A 27 14.98 26.07 28.79
N THR A 28 14.04 26.97 28.52
CA THR A 28 14.18 28.35 28.91
C THR A 28 12.83 28.87 29.38
N VAL A 29 12.78 29.28 30.65
CA VAL A 29 11.55 29.80 31.23
C VAL A 29 11.46 31.30 30.99
N VAL A 30 10.31 31.77 30.50
CA VAL A 30 10.16 33.19 30.29
C VAL A 30 8.92 33.67 31.03
N ASN A 31 9.12 34.71 31.82
CA ASN A 31 8.06 35.32 32.59
C ASN A 31 7.41 36.33 31.64
N ALA A 32 6.41 35.87 30.91
CA ALA A 32 5.69 36.71 29.96
C ALA A 32 5.34 38.03 30.60
N ALA A 33 4.23 38.07 31.32
CA ALA A 33 3.82 39.31 31.97
C ALA A 33 3.41 39.06 33.42
N GLU A 34 2.69 40.03 33.98
CA GLU A 34 2.18 39.95 35.33
C GLU A 34 0.68 39.80 35.17
N SER A 35 0.05 38.93 35.96
CA SER A 35 -1.39 38.78 35.86
C SER A 35 -1.96 40.09 36.34
N PHE A 36 -3.28 40.24 36.27
CA PHE A 36 -3.93 41.46 36.73
C PHE A 36 -3.54 41.80 38.16
N GLU A 37 -3.39 40.77 38.99
CA GLU A 37 -3.07 40.96 40.39
C GLU A 37 -1.60 41.00 40.79
N GLY A 38 -0.72 40.78 39.81
CA GLY A 38 0.71 40.85 40.13
C GLY A 38 1.46 39.54 40.04
N ARG A 39 0.74 38.46 39.80
CA ARG A 39 1.38 37.16 39.70
C ARG A 39 2.10 36.97 38.36
N PRO A 40 3.27 36.33 38.39
CA PRO A 40 3.96 36.13 37.12
C PRO A 40 3.28 35.07 36.26
N ILE A 41 3.24 35.31 34.96
CA ILE A 41 2.64 34.37 34.03
C ILE A 41 3.88 33.77 33.39
N LYS A 42 3.97 32.44 33.34
CA LYS A 42 5.15 31.83 32.75
C LYS A 42 4.86 30.68 31.78
N TYR A 43 5.81 30.49 30.86
CA TYR A 43 5.75 29.41 29.92
C TYR A 43 7.19 28.98 29.82
N ILE A 44 7.42 27.79 29.28
CA ILE A 44 8.77 27.27 29.13
C ILE A 44 9.06 27.04 27.62
N LYS A 45 10.28 27.32 27.19
CA LYS A 45 10.63 27.11 25.79
C LYS A 45 11.60 25.95 25.67
N ILE A 46 11.15 24.86 25.04
CA ILE A 46 11.99 23.69 24.84
C ILE A 46 12.47 23.59 23.39
N SER A 47 13.78 23.49 23.21
CA SER A 47 14.42 23.37 21.91
C SER A 47 15.84 22.84 22.02
N THR A 48 16.19 21.87 21.18
CA THR A 48 17.55 21.33 21.20
C THR A 48 18.46 22.22 20.36
N THR A 49 17.89 23.27 19.78
CA THR A 49 18.63 24.19 18.91
C THR A 49 18.45 25.68 19.27
N ASN A 50 18.01 25.95 20.48
CA ASN A 50 17.81 27.32 20.98
C ASN A 50 16.88 28.15 20.12
N PHE A 51 15.85 27.52 19.56
CA PHE A 51 14.87 28.21 18.73
C PHE A 51 15.52 28.96 17.55
N GLU A 52 16.74 28.56 17.19
CA GLU A 52 17.47 29.21 16.10
C GLU A 52 17.17 28.62 14.72
N ASP A 53 17.10 27.30 14.62
CA ASP A 53 16.81 26.70 13.32
C ASP A 53 15.31 26.79 13.05
N GLU A 54 14.93 27.80 12.29
CA GLU A 54 13.54 28.07 11.97
C GLU A 54 12.92 27.04 11.03
N ASN A 55 13.70 26.04 10.63
CA ASN A 55 13.17 25.01 9.75
C ASN A 55 12.41 23.97 10.53
N LYS A 56 12.48 24.08 11.85
CA LYS A 56 11.79 23.17 12.76
C LYS A 56 10.51 23.86 13.18
N PRO A 57 9.36 23.29 12.81
CA PRO A 57 8.11 23.94 13.22
C PRO A 57 7.96 24.02 14.75
N VAL A 58 7.00 24.81 15.20
CA VAL A 58 6.75 25.00 16.61
C VAL A 58 5.47 24.34 17.08
N ILE A 59 5.52 23.78 18.28
CA ILE A 59 4.34 23.15 18.88
C ILE A 59 4.03 24.07 20.07
N PHE A 60 2.80 24.55 20.14
CA PHE A 60 2.41 25.41 21.24
C PHE A 60 1.26 24.72 21.97
N ILE A 61 1.40 24.54 23.28
CA ILE A 61 0.35 23.91 24.10
C ILE A 61 0.14 24.80 25.31
N ASP A 62 -1.10 25.03 25.69
CA ASP A 62 -1.37 25.86 26.88
C ASP A 62 -2.55 25.32 27.67
N GLY A 63 -2.59 25.64 28.97
CA GLY A 63 -3.68 25.19 29.81
C GLY A 63 -3.91 26.17 30.94
N GLY A 64 -5.03 26.07 31.63
CA GLY A 64 -5.23 26.99 32.73
C GLY A 64 -5.90 28.30 32.42
N ILE A 65 -6.54 28.40 31.26
CA ILE A 65 -7.25 29.63 30.87
C ILE A 65 -8.48 29.70 31.79
N HIS A 66 -9.07 28.53 32.01
CA HIS A 66 -10.23 28.38 32.89
C HIS A 66 -9.75 27.86 34.24
N ALA A 67 -9.93 28.69 35.25
CA ALA A 67 -9.50 28.43 36.63
C ALA A 67 -9.91 27.09 37.24
N ARG A 68 -11.19 26.76 37.13
CA ARG A 68 -11.73 25.51 37.67
C ARG A 68 -11.30 24.21 37.02
N GLU A 69 -10.81 24.26 35.78
CA GLU A 69 -10.40 23.02 35.12
C GLU A 69 -8.99 22.59 35.53
N TRP A 70 -8.93 22.01 36.73
CA TRP A 70 -7.68 21.56 37.35
C TRP A 70 -6.88 20.49 36.63
N ILE A 71 -7.53 19.62 35.88
CA ILE A 71 -6.78 18.57 35.18
C ILE A 71 -5.94 19.13 34.02
N SER A 72 -6.34 20.29 33.51
CA SER A 72 -5.66 20.97 32.42
C SER A 72 -4.15 21.28 32.66
N PRO A 73 -3.79 22.09 33.68
CA PRO A 73 -2.36 22.37 33.90
C PRO A 73 -1.38 21.20 34.01
N PRO A 74 -1.72 20.17 34.82
CA PRO A 74 -0.81 19.02 34.94
C PRO A 74 -0.56 18.26 33.63
N SER A 75 -1.53 18.30 32.72
CA SER A 75 -1.35 17.61 31.44
C SER A 75 -0.25 18.39 30.70
N VAL A 76 -0.26 19.71 30.80
CA VAL A 76 0.77 20.52 30.17
C VAL A 76 2.13 20.24 30.84
N THR A 77 2.21 20.31 32.18
CA THR A 77 3.49 20.02 32.85
C THR A 77 3.93 18.57 32.64
N TRP A 78 3.01 17.66 32.38
CA TRP A 78 3.46 16.29 32.14
C TRP A 78 4.14 16.23 30.75
N ALA A 79 3.68 17.07 29.83
CA ALA A 79 4.30 17.14 28.49
C ALA A 79 5.71 17.71 28.68
N ILE A 80 5.86 18.64 29.61
CA ILE A 80 7.17 19.23 29.89
C ILE A 80 8.10 18.19 30.51
N HIS A 81 7.53 17.31 31.33
CA HIS A 81 8.29 16.26 31.97
C HIS A 81 8.77 15.28 30.89
N LYS A 82 7.86 14.93 29.96
CA LYS A 82 8.19 14.01 28.87
C LYS A 82 9.11 14.56 27.79
N LEU A 83 9.22 15.88 27.70
CA LEU A 83 10.08 16.53 26.73
C LEU A 83 11.49 16.77 27.30
N VAL A 84 11.59 16.96 28.60
CA VAL A 84 12.88 17.24 29.23
C VAL A 84 13.37 16.20 30.24
N GLU A 85 12.49 15.80 31.15
CA GLU A 85 12.89 14.87 32.20
C GLU A 85 12.99 13.42 31.82
N ASP A 86 11.98 12.91 31.13
CA ASP A 86 11.96 11.52 30.70
C ASP A 86 11.65 11.46 29.21
N VAL A 87 12.66 11.70 28.37
CA VAL A 87 12.47 11.68 26.92
C VAL A 87 12.44 10.27 26.32
N THR A 88 11.23 9.82 25.94
CA THR A 88 11.06 8.49 25.34
C THR A 88 10.65 8.56 23.85
N GLU A 89 10.54 9.79 23.33
CA GLU A 89 10.20 10.05 21.92
C GLU A 89 11.20 11.10 21.43
N ASN A 90 12.45 10.69 21.24
CA ASN A 90 13.51 11.59 20.79
C ASN A 90 13.20 12.42 19.53
N ASP A 91 12.44 11.85 18.60
CA ASP A 91 12.11 12.57 17.36
C ASP A 91 11.38 13.88 17.59
N LEU A 92 10.68 14.00 18.72
CA LEU A 92 9.92 15.21 19.06
C LEU A 92 10.80 16.44 19.33
N LEU A 93 12.00 16.20 19.83
CA LEU A 93 12.94 17.28 20.11
C LEU A 93 13.75 17.56 18.84
N GLU A 94 13.94 16.51 18.04
CA GLU A 94 14.67 16.60 16.78
C GLU A 94 13.84 17.43 15.81
N LYS A 95 12.58 17.03 15.63
CA LYS A 95 11.67 17.69 14.71
C LYS A 95 11.13 19.06 15.13
N PHE A 96 10.77 19.25 16.41
CA PHE A 96 10.19 20.54 16.81
C PHE A 96 10.77 21.29 17.99
N ASP A 97 10.33 22.54 18.08
CA ASP A 97 10.69 23.44 19.17
C ASP A 97 9.33 23.54 19.87
N TRP A 98 9.34 23.72 21.20
CA TRP A 98 8.07 23.74 21.92
C TRP A 98 7.86 24.89 22.89
N ILE A 99 6.60 25.27 23.05
CA ILE A 99 6.23 26.31 23.99
C ILE A 99 5.05 25.78 24.78
N LEU A 100 5.17 25.77 26.10
CA LEU A 100 4.10 25.26 26.98
C LEU A 100 3.79 26.24 28.09
N LEU A 101 2.54 26.68 28.14
CA LEU A 101 2.07 27.62 29.15
C LEU A 101 1.05 26.87 30.02
N PRO A 102 1.53 26.24 31.12
CA PRO A 102 0.75 25.45 32.07
C PRO A 102 -0.50 26.13 32.61
N VAL A 103 -0.37 27.41 33.00
CA VAL A 103 -1.49 28.16 33.56
C VAL A 103 -1.58 29.57 32.95
N VAL A 104 -2.47 29.80 32.00
CA VAL A 104 -2.54 31.14 31.42
C VAL A 104 -3.17 32.11 32.42
N ASN A 105 -4.19 31.66 33.13
CA ASN A 105 -4.90 32.50 34.11
C ASN A 105 -4.53 32.17 35.60
N PRO A 106 -3.36 32.64 36.09
CA PRO A 106 -2.97 32.35 37.48
C PRO A 106 -3.78 32.97 38.62
N ASP A 107 -4.40 34.13 38.41
CA ASP A 107 -5.18 34.77 39.46
C ASP A 107 -6.45 33.95 39.69
N GLY A 108 -7.01 33.42 38.61
CA GLY A 108 -8.22 32.62 38.72
C GLY A 108 -7.97 31.22 39.29
N TYR A 109 -6.82 30.64 38.96
CA TYR A 109 -6.44 29.31 39.42
C TYR A 109 -6.30 29.35 40.95
N LYS A 110 -5.40 30.22 41.40
CA LYS A 110 -5.13 30.41 42.81
C LYS A 110 -6.46 30.62 43.55
N TYR A 111 -7.31 31.45 42.97
CA TYR A 111 -8.60 31.77 43.57
C TYR A 111 -9.55 30.57 43.74
N THR A 112 -9.37 29.52 42.93
CA THR A 112 -10.23 28.34 43.05
C THR A 112 -9.71 27.52 44.23
N PHE A 113 -8.47 27.80 44.62
CA PHE A 113 -7.81 27.15 45.74
C PHE A 113 -8.11 27.88 47.04
N THR A 114 -8.00 29.20 47.00
CA THR A 114 -8.22 30.02 48.18
C THR A 114 -9.67 30.39 48.47
N ASN A 115 -10.48 30.58 47.42
CA ASN A 115 -11.86 30.99 47.62
C ASN A 115 -12.98 30.14 47.03
N GLU A 116 -13.14 30.13 45.71
CA GLU A 116 -14.22 29.34 45.12
C GLU A 116 -13.68 28.38 44.08
N ARG A 117 -13.84 27.10 44.38
CA ARG A 117 -13.39 26.01 43.56
C ARG A 117 -13.78 26.05 42.09
N PHE A 118 -14.99 26.53 41.80
CA PHE A 118 -15.49 26.55 40.42
C PHE A 118 -15.49 27.89 39.69
N TRP A 119 -14.64 28.81 40.10
CA TRP A 119 -14.52 30.09 39.44
C TRP A 119 -13.82 29.76 38.10
N ARG A 120 -14.19 30.43 37.01
CA ARG A 120 -13.53 30.16 35.71
C ARG A 120 -12.83 31.36 35.07
N LYS A 121 -13.35 32.57 35.28
CA LYS A 121 -12.79 33.79 34.72
C LYS A 121 -11.46 34.18 35.34
N THR A 122 -10.98 35.36 34.94
CA THR A 122 -9.73 35.91 35.45
C THR A 122 -10.19 36.70 36.68
N ARG A 123 -9.36 37.59 37.21
CA ARG A 123 -9.76 38.36 38.40
C ARG A 123 -9.56 39.88 38.25
N SER A 124 -9.68 40.36 37.01
CA SER A 124 -9.48 41.79 36.73
C SER A 124 -10.66 42.71 37.01
N THR A 125 -10.34 43.98 37.24
CA THR A 125 -11.34 45.03 37.46
C THR A 125 -10.94 46.16 36.51
N ASN A 126 -11.84 47.09 36.25
CA ASN A 126 -11.55 48.19 35.35
C ASN A 126 -12.22 49.51 35.75
N ASN A 127 -11.88 50.58 35.03
CA ASN A 127 -12.45 51.90 35.30
C ASN A 127 -13.94 51.84 35.65
N ASN A 128 -14.64 50.81 35.17
CA ASN A 128 -16.08 50.64 35.46
C ASN A 128 -16.24 50.19 36.91
N PRO A 129 -16.93 50.98 37.74
CA PRO A 129 -17.14 50.64 39.15
C PRO A 129 -17.73 49.25 39.43
N LEU A 130 -18.70 48.81 38.62
CA LEU A 130 -19.33 47.51 38.82
C LEU A 130 -18.39 46.31 38.73
N SER A 131 -17.19 46.53 38.20
CA SER A 131 -16.19 45.49 38.05
C SER A 131 -15.51 45.22 39.38
N GLN A 132 -15.81 46.08 40.36
CA GLN A 132 -15.30 45.97 41.73
C GLN A 132 -15.95 44.75 42.36
N ILE A 133 -17.20 44.51 41.95
CA ILE A 133 -17.99 43.39 42.41
C ILE A 133 -17.79 42.25 41.43
N CYS A 134 -18.05 42.54 40.15
CA CYS A 134 -17.92 41.55 39.09
C CYS A 134 -16.54 41.57 38.48
N ARG A 135 -15.70 40.63 38.88
CA ARG A 135 -14.33 40.60 38.39
C ARG A 135 -14.03 39.60 37.29
N GLY A 136 -12.98 39.91 36.54
CA GLY A 136 -12.52 39.06 35.46
C GLY A 136 -13.38 39.00 34.22
N ALA A 137 -12.93 38.21 33.25
CA ALA A 137 -13.65 38.03 32.01
C ALA A 137 -13.36 36.63 31.60
N ASP A 138 -14.27 36.01 30.86
CA ASP A 138 -14.01 34.65 30.39
C ASP A 138 -12.82 34.77 29.42
N GLY A 139 -11.73 34.10 29.74
CA GLY A 139 -10.56 34.19 28.89
C GLY A 139 -10.76 33.52 27.54
N ASN A 140 -11.52 32.44 27.50
CA ASN A 140 -11.77 31.75 26.23
C ASN A 140 -12.89 32.39 25.42
N ARG A 141 -13.16 33.66 25.74
CA ARG A 141 -14.16 34.45 25.05
C ARG A 141 -13.50 35.81 24.77
N ASN A 142 -12.24 35.93 25.18
CA ASN A 142 -11.51 37.18 25.05
C ASN A 142 -10.69 37.44 23.79
N PHE A 143 -10.42 36.38 23.03
CA PHE A 143 -9.66 36.54 21.80
C PHE A 143 -10.47 37.28 20.74
N ASP A 144 -9.75 37.95 19.85
CA ASP A 144 -10.40 38.71 18.78
C ASP A 144 -10.85 37.82 17.63
N PHE A 145 -11.92 37.06 17.86
CA PHE A 145 -12.49 36.21 16.83
C PHE A 145 -13.99 36.44 16.93
N VAL A 146 -14.55 37.16 15.95
CA VAL A 146 -15.95 37.54 15.94
C VAL A 146 -16.38 37.86 17.37
N TRP A 147 -15.42 38.44 18.07
CA TRP A 147 -15.55 38.81 19.44
C TRP A 147 -16.93 39.25 19.89
N ASN A 148 -17.38 38.65 21.00
CA ASN A 148 -18.65 38.97 21.63
C ASN A 148 -19.87 38.79 20.73
N SER A 149 -19.69 38.19 19.56
CA SER A 149 -20.82 38.00 18.66
C SER A 149 -21.77 36.89 19.11
N ILE A 150 -21.25 35.87 19.79
CA ILE A 150 -22.08 34.76 20.25
C ILE A 150 -21.41 33.99 21.42
N GLY A 151 -22.22 33.29 22.22
CA GLY A 151 -21.72 32.52 23.36
C GLY A 151 -21.21 33.35 24.54
N THR A 152 -21.77 34.55 24.72
CA THR A 152 -21.34 35.43 25.81
C THR A 152 -22.48 36.15 26.52
N SER A 153 -22.11 37.10 27.38
CA SER A 153 -23.07 37.92 28.12
C SER A 153 -22.40 39.25 28.36
N ASN A 154 -23.17 40.33 28.35
CA ASN A 154 -22.59 41.66 28.58
C ASN A 154 -22.50 42.02 30.06
N SER A 155 -23.01 41.13 30.91
CA SER A 155 -22.96 41.34 32.35
C SER A 155 -21.56 40.93 32.77
N PRO A 156 -20.83 41.83 33.44
CA PRO A 156 -19.47 41.54 33.88
C PRO A 156 -19.43 40.43 34.95
N CYS A 157 -20.60 40.09 35.48
CA CYS A 157 -20.71 39.05 36.49
C CYS A 157 -21.01 37.68 35.91
N SER A 158 -21.24 37.62 34.60
CA SER A 158 -21.49 36.35 33.96
C SER A 158 -20.17 35.63 33.81
N ASP A 159 -20.23 34.30 33.80
CA ASP A 159 -19.01 33.53 33.65
C ASP A 159 -18.61 33.41 32.18
N ILE A 160 -19.49 33.89 31.30
CA ILE A 160 -19.19 33.91 29.87
C ILE A 160 -19.01 35.36 29.39
N TYR A 161 -18.73 36.26 30.32
CA TYR A 161 -18.46 37.66 30.05
C TYR A 161 -17.24 37.65 29.13
N ALA A 162 -17.28 38.48 28.08
CA ALA A 162 -16.19 38.50 27.11
C ALA A 162 -15.06 39.49 27.37
N GLY A 163 -15.22 40.31 28.41
CA GLY A 163 -14.21 41.30 28.74
C GLY A 163 -14.70 42.66 28.27
N THR A 164 -13.94 43.72 28.55
CA THR A 164 -14.35 45.05 28.11
C THR A 164 -14.15 45.19 26.59
N SER A 165 -13.14 44.50 26.06
CA SER A 165 -12.84 44.51 24.63
C SER A 165 -12.01 43.26 24.37
N ALA A 166 -11.77 42.95 23.09
CA ALA A 166 -10.97 41.78 22.76
C ALA A 166 -9.58 42.02 23.36
N PHE A 167 -9.02 40.97 23.96
CA PHE A 167 -7.70 41.06 24.57
C PHE A 167 -7.56 42.12 25.65
N SER A 168 -8.65 42.40 26.36
CA SER A 168 -8.63 43.37 27.47
C SER A 168 -7.90 42.75 28.65
N GLU A 169 -7.70 41.43 28.60
CA GLU A 169 -7.02 40.69 29.66
C GLU A 169 -5.58 40.44 29.27
N VAL A 170 -4.65 40.78 30.16
CA VAL A 170 -3.23 40.56 29.94
C VAL A 170 -2.88 39.07 29.78
N GLU A 171 -3.65 38.22 30.44
CA GLU A 171 -3.41 36.77 30.36
C GLU A 171 -3.62 36.28 28.95
N THR A 172 -4.67 36.82 28.33
CA THR A 172 -5.05 36.46 26.99
C THR A 172 -4.06 37.09 25.98
N ARG A 173 -3.54 38.27 26.32
CA ARG A 173 -2.56 38.96 25.48
C ARG A 173 -1.24 38.19 25.41
N VAL A 174 -0.94 37.41 26.45
CA VAL A 174 0.30 36.61 26.49
C VAL A 174 0.21 35.50 25.46
N VAL A 175 -0.94 34.85 25.40
CA VAL A 175 -1.18 33.78 24.46
C VAL A 175 -1.13 34.35 23.04
N ARG A 176 -1.74 35.53 22.85
CA ARG A 176 -1.75 36.21 21.57
C ARG A 176 -0.31 36.44 21.09
N ASP A 177 0.51 37.08 21.93
CA ASP A 177 1.91 37.36 21.58
C ASP A 177 2.75 36.16 21.23
N ILE A 178 2.38 34.99 21.73
CA ILE A 178 3.13 33.77 21.45
C ILE A 178 2.73 33.30 20.04
N LEU A 179 1.42 33.27 19.80
CA LEU A 179 0.85 32.87 18.52
C LEU A 179 1.46 33.65 17.37
N HIS A 180 1.47 34.97 17.51
CA HIS A 180 2.01 35.87 16.50
C HIS A 180 3.52 35.75 16.32
N GLU A 181 4.26 35.72 17.43
CA GLU A 181 5.71 35.61 17.35
C GLU A 181 6.16 34.31 16.68
N HIS A 182 5.39 33.23 16.81
CA HIS A 182 5.78 31.95 16.23
C HIS A 182 4.87 31.46 15.12
N LEU A 183 3.91 32.30 14.76
CA LEU A 183 2.95 32.01 13.71
C LEU A 183 3.59 31.41 12.47
N ALA A 184 4.68 32.02 12.01
CA ALA A 184 5.35 31.54 10.81
C ALA A 184 5.60 30.03 10.82
N ARG A 185 6.14 29.49 11.91
CA ARG A 185 6.42 28.07 11.95
C ARG A 185 5.63 27.20 12.91
N MET A 186 4.44 27.64 13.31
CA MET A 186 3.65 26.86 14.24
C MET A 186 2.81 25.82 13.53
N ALA A 187 3.18 24.56 13.73
CA ALA A 187 2.50 23.43 13.10
C ALA A 187 1.25 22.97 13.87
N LEU A 188 1.20 23.24 15.17
CA LEU A 188 0.05 22.79 15.95
C LEU A 188 -0.17 23.63 17.20
N TYR A 189 -1.44 23.88 17.51
CA TYR A 189 -1.79 24.60 18.73
C TYR A 189 -2.84 23.79 19.52
N LEU A 190 -2.47 23.41 20.74
CA LEU A 190 -3.38 22.67 21.65
C LEU A 190 -3.66 23.49 22.91
N THR A 191 -4.92 23.80 23.13
CA THR A 191 -5.31 24.53 24.33
C THR A 191 -6.12 23.50 25.15
N MET A 192 -5.59 23.17 26.35
CA MET A 192 -6.19 22.16 27.24
C MET A 192 -7.27 22.65 28.19
N HIS A 193 -8.40 21.94 28.19
CA HIS A 193 -9.53 22.26 29.03
C HIS A 193 -10.12 21.00 29.68
N SER A 194 -11.33 21.11 30.25
CA SER A 194 -11.99 19.99 30.94
C SER A 194 -13.46 20.36 31.01
N PHE A 195 -14.50 19.46 30.80
CA PHE A 195 -14.27 18.03 30.66
C PHE A 195 -15.23 17.54 29.59
N GLY A 196 -15.09 16.29 29.20
CA GLY A 196 -16.01 15.77 28.21
C GLY A 196 -15.34 14.77 27.31
N SER A 197 -14.02 14.64 27.46
CA SER A 197 -13.25 13.73 26.63
C SER A 197 -13.57 14.07 25.19
N MET A 198 -13.04 15.21 24.75
CA MET A 198 -13.27 15.70 23.40
C MET A 198 -12.04 16.39 22.84
N ILE A 199 -11.93 16.32 21.51
CA ILE A 199 -10.85 16.96 20.75
C ILE A 199 -11.62 17.81 19.71
N LEU A 200 -11.67 19.11 19.95
CA LEU A 200 -12.42 20.04 19.09
C LEU A 200 -11.57 20.96 18.21
N TYR A 201 -12.09 21.27 17.01
CA TYR A 201 -11.41 22.15 16.02
C TYR A 201 -12.42 23.20 15.46
N PRO A 202 -11.95 24.36 14.89
CA PRO A 202 -12.77 25.45 14.34
C PRO A 202 -13.78 24.91 13.35
N TRP A 203 -14.92 25.60 12.86
CA TRP A 203 -15.22 26.82 13.58
C TRP A 203 -16.22 26.73 14.71
N GLY A 204 -15.86 27.38 15.81
CA GLY A 204 -16.72 27.40 16.99
C GLY A 204 -17.86 28.40 17.02
N HIS A 205 -17.81 29.44 16.21
CA HIS A 205 -18.88 30.45 16.21
C HIS A 205 -20.08 30.07 15.35
N ASP A 206 -19.87 29.25 14.33
CA ASP A 206 -20.98 28.86 13.47
C ASP A 206 -21.05 27.37 13.16
N GLY A 207 -20.06 26.62 13.65
CA GLY A 207 -20.03 25.18 13.42
C GLY A 207 -19.86 24.75 11.98
N SER A 208 -19.07 25.51 11.23
CA SER A 208 -18.81 25.24 9.82
C SER A 208 -17.37 24.80 9.71
N LEU A 209 -17.02 24.06 8.66
CA LEU A 209 -15.64 23.61 8.48
C LEU A 209 -14.76 24.72 7.91
N SER A 210 -13.47 24.64 8.22
CA SER A 210 -12.51 25.61 7.71
C SER A 210 -11.85 24.88 6.53
N GLN A 211 -11.07 25.61 5.72
CA GLN A 211 -10.42 25.03 4.57
C GLN A 211 -9.58 23.81 4.94
N ASN A 212 -9.10 23.76 6.18
CA ASN A 212 -8.25 22.63 6.61
C ASN A 212 -8.95 21.53 7.40
N ALA A 213 -10.28 21.46 7.29
CA ALA A 213 -11.08 20.46 8.00
C ALA A 213 -10.59 19.00 7.91
N LEU A 214 -10.24 18.55 6.72
CA LEU A 214 -9.79 17.17 6.52
C LEU A 214 -8.60 16.83 7.40
N GLY A 215 -7.58 17.66 7.37
CA GLY A 215 -6.40 17.43 8.17
C GLY A 215 -6.75 17.48 9.65
N LEU A 216 -7.56 18.47 10.03
CA LEU A 216 -7.99 18.67 11.42
C LEU A 216 -8.65 17.43 11.99
N HIS A 217 -9.68 16.95 11.30
CA HIS A 217 -10.40 15.78 11.74
C HIS A 217 -9.65 14.47 11.57
N THR A 218 -8.57 14.46 10.80
CA THR A 218 -7.81 13.23 10.60
C THR A 218 -6.78 13.06 11.70
N VAL A 219 -6.12 14.15 12.07
CA VAL A 219 -5.13 14.14 13.12
C VAL A 219 -5.79 14.04 14.51
N GLY A 220 -7.02 14.56 14.63
CA GLY A 220 -7.74 14.47 15.89
C GLY A 220 -8.14 13.01 16.12
N VAL A 221 -8.81 12.42 15.13
CA VAL A 221 -9.23 11.03 15.17
C VAL A 221 -8.02 10.15 15.49
N ALA A 222 -6.86 10.53 14.98
CA ALA A 222 -5.66 9.76 15.23
C ALA A 222 -5.13 9.97 16.64
N MET A 223 -5.39 11.15 17.23
CA MET A 223 -4.94 11.44 18.59
C MET A 223 -5.90 10.74 19.56
N ALA A 224 -7.19 10.92 19.30
CA ALA A 224 -8.25 10.32 20.09
C ALA A 224 -8.12 8.80 20.09
N SER A 225 -7.61 8.23 19.01
CA SER A 225 -7.46 6.79 18.91
C SER A 225 -6.36 6.26 19.82
N VAL A 226 -5.22 6.95 19.86
CA VAL A 226 -4.12 6.50 20.69
C VAL A 226 -4.44 6.70 22.16
N ILE A 227 -5.30 7.68 22.47
CA ILE A 227 -5.70 7.95 23.85
C ILE A 227 -6.49 6.71 24.29
N GLN A 228 -7.54 6.41 23.54
CA GLN A 228 -8.43 5.28 23.78
C GLN A 228 -7.75 3.96 24.09
N SER A 229 -6.65 3.64 23.42
CA SER A 229 -6.00 2.36 23.68
C SER A 229 -5.03 2.41 24.86
N ASN A 230 -4.89 3.60 25.43
CA ASN A 230 -4.03 3.83 26.60
C ASN A 230 -4.85 4.18 27.84
N ALA A 231 -6.11 4.51 27.62
CA ALA A 231 -7.04 4.89 28.68
C ALA A 231 -7.47 3.74 29.59
N LEU A 232 -8.15 4.09 30.68
CA LEU A 232 -8.65 3.12 31.64
C LEU A 232 -10.03 2.67 31.18
N PRO A 233 -10.35 1.38 31.34
CA PRO A 233 -11.62 0.78 30.94
C PRO A 233 -12.87 1.52 31.41
N ASN A 234 -12.74 2.31 32.47
CA ASN A 234 -13.89 3.02 32.99
C ASN A 234 -14.11 4.40 32.42
N PHE A 235 -13.09 4.96 31.77
CA PHE A 235 -13.21 6.29 31.15
C PHE A 235 -14.03 6.28 29.85
N PRO A 236 -14.78 7.36 29.60
CA PRO A 236 -15.61 7.47 28.39
C PRO A 236 -14.75 7.61 27.12
N PRO A 237 -15.30 7.24 25.96
CA PRO A 237 -14.53 7.35 24.71
C PRO A 237 -14.47 8.80 24.24
N TYR A 238 -13.37 9.15 23.57
CA TYR A 238 -13.18 10.50 23.04
C TYR A 238 -14.05 10.78 21.84
N THR A 239 -14.54 12.02 21.74
CA THR A 239 -15.36 12.45 20.62
C THR A 239 -14.56 13.48 19.85
N VAL A 240 -14.34 13.26 18.56
CA VAL A 240 -13.59 14.20 17.74
C VAL A 240 -14.53 14.91 16.79
N GLY A 241 -14.25 16.18 16.49
CA GLY A 241 -15.10 16.88 15.56
C GLY A 241 -15.14 18.39 15.68
N ASN A 242 -16.09 18.99 14.97
CA ASN A 242 -16.22 20.42 15.02
C ASN A 242 -16.66 20.87 16.42
N SER A 243 -15.92 21.81 16.97
CA SER A 243 -16.20 22.35 18.29
C SER A 243 -17.70 22.57 18.60
N ALA A 244 -18.34 23.46 17.87
CA ALA A 244 -19.76 23.75 18.08
C ALA A 244 -20.69 22.53 17.98
N LEU A 245 -20.50 21.70 16.96
CA LEU A 245 -21.35 20.52 16.76
C LEU A 245 -21.18 19.45 17.85
N VAL A 246 -19.99 19.33 18.42
CA VAL A 246 -19.75 18.35 19.48
C VAL A 246 -20.19 18.91 20.84
N ILE A 247 -19.68 20.10 21.17
CA ILE A 247 -19.98 20.78 22.42
C ILE A 247 -21.45 21.20 22.57
N GLY A 248 -22.20 21.19 21.47
CA GLY A 248 -23.60 21.55 21.52
C GLY A 248 -24.00 23.03 21.51
N TYR A 249 -23.03 23.93 21.50
CA TYR A 249 -23.34 25.36 21.49
C TYR A 249 -22.27 26.21 20.78
N TYR A 250 -22.66 27.40 20.35
CA TYR A 250 -21.74 28.31 19.66
C TYR A 250 -20.99 29.24 20.61
N ILE A 251 -19.70 29.42 20.33
CA ILE A 251 -18.88 30.29 21.14
C ILE A 251 -17.95 31.20 20.32
N ALA A 252 -17.98 32.49 20.65
CA ALA A 252 -17.15 33.49 19.97
C ALA A 252 -15.99 33.88 20.87
N GLY A 253 -14.83 34.10 20.26
CA GLY A 253 -13.67 34.52 21.03
C GLY A 253 -12.72 33.47 21.58
N SER A 254 -12.79 32.23 21.11
CA SER A 254 -11.88 31.22 21.63
C SER A 254 -10.44 31.40 21.13
N SER A 255 -9.48 30.79 21.83
CA SER A 255 -8.09 30.90 21.45
C SER A 255 -7.78 29.95 20.31
N GLU A 256 -8.53 28.86 20.25
CA GLU A 256 -8.35 27.84 19.21
C GLU A 256 -8.80 28.36 17.85
N ASP A 257 -9.94 29.04 17.84
CA ASP A 257 -10.47 29.62 16.62
C ASP A 257 -9.55 30.79 16.22
N TYR A 258 -9.28 31.67 17.18
CA TYR A 258 -8.40 32.80 16.91
C TYR A 258 -7.08 32.35 16.28
N ALA A 259 -6.45 31.34 16.86
CA ALA A 259 -5.17 30.84 16.33
C ALA A 259 -5.34 30.35 14.88
N HIS A 260 -6.49 29.74 14.60
CA HIS A 260 -6.75 29.23 13.28
C HIS A 260 -7.02 30.37 12.28
N SER A 261 -7.74 31.40 12.75
CA SER A 261 -8.07 32.54 11.92
C SER A 261 -6.83 33.30 11.40
N ILE A 262 -5.71 33.21 12.10
CA ILE A 262 -4.50 33.88 11.66
C ILE A 262 -3.53 32.92 10.98
N GLY A 263 -3.97 31.71 10.70
CA GLY A 263 -3.09 30.80 10.00
C GLY A 263 -2.52 29.54 10.62
N VAL A 264 -2.54 29.36 11.95
CA VAL A 264 -2.01 28.11 12.53
C VAL A 264 -2.86 27.02 11.90
N PRO A 265 -2.23 26.11 11.15
CA PRO A 265 -2.90 25.00 10.45
C PRO A 265 -3.75 24.02 11.27
N LEU A 266 -3.18 23.54 12.38
CA LEU A 266 -3.84 22.58 13.28
C LEU A 266 -3.95 23.17 14.67
N SER A 267 -5.16 23.51 15.09
CA SER A 267 -5.35 24.07 16.43
C SER A 267 -6.58 23.44 17.08
N TYR A 268 -6.37 22.78 18.22
CA TYR A 268 -7.49 22.13 18.91
C TYR A 268 -7.66 22.53 20.36
N THR A 269 -8.89 22.37 20.81
CA THR A 269 -9.22 22.60 22.20
C THR A 269 -9.46 21.19 22.72
N TYR A 270 -8.57 20.74 23.61
CA TYR A 270 -8.64 19.41 24.24
C TYR A 270 -9.53 19.48 25.49
N GLU A 271 -10.70 18.85 25.47
CA GLU A 271 -11.52 18.83 26.69
C GLU A 271 -11.14 17.50 27.35
N LEU A 272 -10.32 17.57 28.40
CA LEU A 272 -9.85 16.38 29.10
C LEU A 272 -11.00 15.61 29.82
N PRO A 273 -10.72 14.39 30.33
CA PRO A 273 -11.81 13.66 30.98
C PRO A 273 -12.33 14.14 32.33
N GLY A 274 -13.57 13.75 32.57
CA GLY A 274 -14.26 14.04 33.82
C GLY A 274 -15.07 12.77 34.05
N LEU A 275 -15.43 12.44 35.28
CA LEU A 275 -16.18 11.20 35.47
C LEU A 275 -17.61 11.43 35.96
N SER A 276 -17.97 12.68 36.18
CA SER A 276 -19.31 13.02 36.63
C SER A 276 -19.82 14.14 35.75
N SER A 277 -21.09 14.09 35.39
CA SER A 277 -21.67 15.10 34.50
C SER A 277 -21.85 16.50 35.08
N GLY A 278 -21.76 16.63 36.40
CA GLY A 278 -21.94 17.94 37.01
C GLY A 278 -20.60 18.60 37.31
N TRP A 279 -20.61 19.57 38.23
CA TRP A 279 -19.38 20.28 38.62
C TRP A 279 -18.26 19.34 38.98
N ASP A 280 -18.63 18.11 39.35
CA ASP A 280 -17.66 17.09 39.73
C ASP A 280 -16.76 16.77 38.56
N GLY A 281 -17.26 17.01 37.36
CA GLY A 281 -16.48 16.75 36.17
C GLY A 281 -15.16 17.51 36.16
N PHE A 282 -15.16 18.72 36.73
CA PHE A 282 -13.94 19.54 36.78
C PHE A 282 -12.96 19.06 37.83
N HIS A 283 -13.31 17.98 38.53
CA HIS A 283 -12.46 17.44 39.58
C HIS A 283 -12.28 15.95 39.41
N LEU A 284 -11.69 15.54 38.29
CA LEU A 284 -11.46 14.13 38.04
C LEU A 284 -10.75 13.64 39.30
N PRO A 285 -11.19 12.52 39.87
CA PRO A 285 -10.54 11.98 41.09
C PRO A 285 -9.03 11.92 40.95
N PRO A 286 -8.30 12.51 41.92
CA PRO A 286 -6.84 12.58 41.98
C PRO A 286 -6.07 11.33 41.60
N GLN A 287 -6.59 10.17 41.96
CA GLN A 287 -5.91 8.92 41.65
C GLN A 287 -5.78 8.73 40.13
N TYR A 288 -6.53 9.53 39.37
CA TYR A 288 -6.50 9.43 37.92
C TYR A 288 -5.57 10.44 37.22
N ILE A 289 -5.20 11.49 37.92
CA ILE A 289 -4.33 12.53 37.36
C ILE A 289 -3.12 12.04 36.57
N GLU A 290 -2.35 11.12 37.12
CA GLU A 290 -1.17 10.63 36.41
C GLU A 290 -1.54 9.83 35.18
N GLN A 291 -2.69 9.16 35.24
CA GLN A 291 -3.15 8.36 34.12
C GLN A 291 -3.58 9.27 32.97
N VAL A 292 -4.46 10.23 33.26
CA VAL A 292 -4.94 11.16 32.25
C VAL A 292 -3.80 11.97 31.63
N CYS A 293 -2.79 12.31 32.43
CA CYS A 293 -1.63 13.05 31.94
C CYS A 293 -0.81 12.19 30.99
N ARG A 294 -0.68 10.91 31.34
CA ARG A 294 0.07 9.93 30.56
C ARG A 294 -0.56 9.63 29.20
N GLU A 295 -1.85 9.30 29.20
CA GLU A 295 -2.56 8.97 27.98
C GLU A 295 -2.66 10.18 27.08
N THR A 296 -2.87 11.35 27.68
CA THR A 296 -2.98 12.59 26.92
C THR A 296 -1.66 12.88 26.22
N TRP A 297 -0.55 12.45 26.83
CA TRP A 297 0.77 12.64 26.23
C TRP A 297 0.89 11.76 24.99
N GLU A 298 0.22 10.62 24.98
CA GLU A 298 0.29 9.76 23.82
C GLU A 298 -0.48 10.44 22.66
N GLY A 299 -1.52 11.19 23.01
CA GLY A 299 -2.29 11.90 22.01
C GLY A 299 -1.42 13.00 21.41
N ILE A 300 -0.75 13.75 22.27
CA ILE A 300 0.14 14.84 21.88
C ILE A 300 1.31 14.35 21.02
N VAL A 301 1.77 13.14 21.28
CA VAL A 301 2.87 12.57 20.50
C VAL A 301 2.39 12.33 19.05
N VAL A 302 1.26 11.65 18.89
CA VAL A 302 0.69 11.36 17.58
C VAL A 302 0.32 12.65 16.83
N GLY A 303 -0.29 13.60 17.53
CA GLY A 303 -0.68 14.86 16.92
C GLY A 303 0.48 15.77 16.51
N ALA A 304 1.60 15.73 17.22
CA ALA A 304 2.73 16.58 16.85
C ALA A 304 3.45 15.96 15.65
N ARG A 305 3.37 14.64 15.55
CA ARG A 305 3.99 13.91 14.46
C ARG A 305 3.19 14.11 13.18
N ARG A 306 1.88 13.97 13.28
CA ARG A 306 1.01 14.15 12.14
C ARG A 306 1.04 15.58 11.65
N ALA A 307 1.07 16.53 12.59
CA ALA A 307 1.09 17.95 12.25
C ALA A 307 2.41 18.32 11.56
N GLY A 308 3.49 17.62 11.90
CA GLY A 308 4.78 17.89 11.29
C GLY A 308 4.72 17.46 9.84
N ASP A 309 4.11 16.30 9.59
CA ASP A 309 3.97 15.77 8.24
C ASP A 309 3.23 16.80 7.39
N LEU A 310 2.02 17.15 7.82
CA LEU A 310 1.17 18.09 7.12
C LEU A 310 1.69 19.51 6.96
N PHE A 311 2.71 19.89 7.72
CA PHE A 311 3.26 21.25 7.65
C PHE A 311 4.28 21.43 6.54
N ARG A 312 5.05 20.36 6.28
CA ARG A 312 6.09 20.35 5.23
C ARG A 312 5.52 20.40 3.80
N PRO B 2 -5.49 -8.84 -33.00
CA PRO B 2 -4.54 -8.15 -33.90
C PRO B 2 -3.09 -8.55 -33.69
N TYR B 3 -2.58 -9.31 -34.65
CA TYR B 3 -1.23 -9.81 -34.58
C TYR B 3 -0.24 -8.79 -35.08
N ASP B 4 -0.46 -7.53 -34.69
CA ASP B 4 0.42 -6.42 -35.05
C ASP B 4 1.31 -6.13 -33.85
N ASN B 5 0.75 -6.39 -32.68
CA ASN B 5 1.45 -6.17 -31.41
C ASN B 5 1.39 -7.41 -30.52
N TYR B 6 2.37 -7.57 -29.64
CA TYR B 6 2.37 -8.69 -28.70
C TYR B 6 1.30 -8.32 -27.66
N GLN B 7 0.29 -9.17 -27.49
CA GLN B 7 -0.80 -8.89 -26.56
C GLN B 7 -0.56 -9.31 -25.11
N GLU B 8 -1.19 -8.58 -24.20
CA GLU B 8 -1.07 -8.89 -22.78
C GLU B 8 -1.89 -10.13 -22.45
N LEU B 9 -1.57 -10.77 -21.33
CA LEU B 9 -2.23 -11.99 -20.87
C LEU B 9 -3.76 -11.97 -20.97
N GLU B 10 -4.37 -10.89 -20.49
CA GLU B 10 -5.82 -10.73 -20.50
C GLU B 10 -6.44 -10.89 -21.86
N VAL B 11 -5.81 -10.29 -22.86
CA VAL B 11 -6.28 -10.34 -24.23
C VAL B 11 -6.30 -11.80 -24.71
N ILE B 12 -5.16 -12.46 -24.56
CA ILE B 12 -5.05 -13.86 -24.94
C ILE B 12 -6.17 -14.69 -24.29
N ASP B 13 -6.43 -14.41 -23.00
CA ASP B 13 -7.48 -15.12 -22.22
C ASP B 13 -8.85 -14.83 -22.78
N GLU B 14 -9.11 -13.54 -22.99
CA GLU B 14 -10.39 -13.12 -23.52
C GLU B 14 -10.59 -13.66 -24.93
N TYR B 15 -9.49 -13.91 -25.63
CA TYR B 15 -9.61 -14.47 -26.97
C TYR B 15 -10.22 -15.87 -26.85
N LEU B 16 -9.60 -16.74 -26.06
CA LEU B 16 -10.11 -18.10 -25.85
C LEU B 16 -11.57 -18.08 -25.45
N ASP B 17 -11.95 -17.19 -24.52
CA ASP B 17 -13.35 -17.10 -24.09
C ASP B 17 -14.26 -16.72 -25.25
N TYR B 18 -13.77 -15.81 -26.08
CA TYR B 18 -14.49 -15.35 -27.26
C TYR B 18 -14.74 -16.53 -28.21
N ILE B 19 -13.70 -17.33 -28.47
CA ILE B 19 -13.85 -18.50 -29.36
C ILE B 19 -14.82 -19.50 -28.75
N GLY B 20 -14.56 -19.87 -27.50
CA GLY B 20 -15.43 -20.82 -26.82
C GLY B 20 -16.88 -20.38 -26.81
N GLU B 21 -17.12 -19.08 -26.74
CA GLU B 21 -18.48 -18.56 -26.72
C GLU B 21 -19.07 -18.42 -28.12
N LYS B 22 -18.28 -17.95 -29.07
CA LYS B 22 -18.77 -17.75 -30.44
C LYS B 22 -18.98 -19.06 -31.20
N TYR B 23 -18.09 -20.03 -30.98
CA TYR B 23 -18.17 -21.34 -31.64
C TYR B 23 -18.33 -22.44 -30.60
N PRO B 24 -19.44 -22.40 -29.85
CA PRO B 24 -19.71 -23.40 -28.80
C PRO B 24 -20.03 -24.80 -29.31
N ASP B 25 -19.91 -25.01 -30.62
CA ASP B 25 -20.20 -26.33 -31.18
C ASP B 25 -18.95 -27.08 -31.61
N VAL B 26 -17.82 -26.38 -31.64
CA VAL B 26 -16.57 -27.00 -32.06
C VAL B 26 -15.47 -26.77 -31.02
N ALA B 27 -15.58 -25.66 -30.30
CA ALA B 27 -14.58 -25.30 -29.30
C ALA B 27 -15.06 -25.32 -27.85
N THR B 28 -14.17 -25.76 -26.96
CA THR B 28 -14.46 -25.82 -25.54
C THR B 28 -13.30 -25.28 -24.71
N VAL B 29 -13.54 -24.19 -24.00
CA VAL B 29 -12.51 -23.59 -23.16
C VAL B 29 -12.49 -24.31 -21.80
N VAL B 30 -11.32 -24.72 -21.33
CA VAL B 30 -11.24 -25.36 -20.02
C VAL B 30 -10.21 -24.63 -19.18
N ASN B 31 -10.67 -24.18 -18.03
CA ASN B 31 -9.81 -23.48 -17.08
C ASN B 31 -9.13 -24.61 -16.33
N ALA B 32 -8.01 -25.09 -16.87
CA ALA B 32 -7.29 -26.21 -16.27
C ALA B 32 -6.92 -26.04 -14.82
N ALA B 33 -6.45 -24.85 -14.44
CA ALA B 33 -6.03 -24.62 -13.07
C ALA B 33 -5.68 -23.18 -12.81
N GLU B 34 -5.15 -22.91 -11.62
CA GLU B 34 -4.77 -21.56 -11.29
C GLU B 34 -3.25 -21.59 -11.17
N SER B 35 -2.59 -20.57 -11.69
CA SER B 35 -1.15 -20.47 -11.64
C SER B 35 -0.78 -20.32 -10.17
N PHE B 36 0.52 -20.31 -9.86
CA PHE B 36 0.93 -20.15 -8.49
C PHE B 36 0.31 -18.88 -7.92
N GLU B 37 0.33 -17.79 -8.70
CA GLU B 37 -0.22 -16.53 -8.23
C GLU B 37 -1.73 -16.37 -8.29
N GLY B 38 -2.44 -17.35 -8.84
CA GLY B 38 -3.89 -17.23 -8.89
C GLY B 38 -4.54 -16.92 -10.23
N ARG B 39 -3.77 -16.94 -11.31
CA ARG B 39 -4.35 -16.64 -12.62
C ARG B 39 -4.86 -17.89 -13.29
N PRO B 40 -6.03 -17.81 -13.92
CA PRO B 40 -6.51 -19.03 -14.59
C PRO B 40 -5.58 -19.44 -15.73
N ILE B 41 -5.30 -20.73 -15.81
CA ILE B 41 -4.47 -21.29 -16.86
C ILE B 41 -5.47 -21.94 -17.79
N LYS B 42 -5.73 -21.36 -18.96
CA LYS B 42 -6.69 -21.95 -19.87
C LYS B 42 -6.11 -22.54 -21.15
N TYR B 43 -6.80 -23.55 -21.66
CA TYR B 43 -6.42 -24.17 -22.91
C TYR B 43 -7.72 -24.31 -23.66
N ILE B 44 -7.66 -24.80 -24.89
CA ILE B 44 -8.87 -24.87 -25.72
C ILE B 44 -9.00 -26.24 -26.38
N LYS B 45 -10.21 -26.78 -26.44
CA LYS B 45 -10.44 -28.06 -27.07
C LYS B 45 -11.29 -27.90 -28.33
N ILE B 46 -10.68 -28.20 -29.47
CA ILE B 46 -11.38 -28.05 -30.77
C ILE B 46 -11.74 -29.40 -31.35
N SER B 47 -13.03 -29.60 -31.60
CA SER B 47 -13.48 -30.86 -32.14
C SER B 47 -14.86 -30.79 -32.78
N THR B 48 -15.01 -31.43 -33.93
CA THR B 48 -16.30 -31.46 -34.63
C THR B 48 -17.12 -32.64 -34.14
N THR B 49 -16.51 -33.46 -33.28
CA THR B 49 -17.15 -34.65 -32.71
C THR B 49 -17.04 -34.69 -31.18
N ASN B 50 -17.23 -33.52 -30.57
CA ASN B 50 -17.17 -33.36 -29.11
C ASN B 50 -16.14 -34.23 -28.40
N PHE B 51 -15.02 -34.48 -29.07
CA PHE B 51 -13.94 -35.29 -28.52
C PHE B 51 -14.40 -36.72 -28.22
N GLU B 52 -15.61 -37.08 -28.65
CA GLU B 52 -16.15 -38.41 -28.38
C GLU B 52 -15.79 -39.56 -29.32
N ASP B 53 -15.18 -39.26 -30.45
CA ASP B 53 -14.79 -40.29 -31.41
C ASP B 53 -13.29 -40.51 -31.19
N GLU B 54 -12.95 -41.63 -30.59
CA GLU B 54 -11.56 -41.94 -30.27
C GLU B 54 -10.67 -42.46 -31.40
N ASN B 55 -11.23 -42.66 -32.59
CA ASN B 55 -10.40 -43.14 -33.70
C ASN B 55 -9.67 -41.96 -34.36
N LYS B 56 -10.11 -40.75 -34.02
CA LYS B 56 -9.52 -39.51 -34.52
C LYS B 56 -8.41 -39.12 -33.55
N PRO B 57 -7.13 -39.23 -33.98
CA PRO B 57 -6.04 -38.86 -33.06
C PRO B 57 -6.06 -37.42 -32.56
N VAL B 58 -5.28 -37.14 -31.51
CA VAL B 58 -5.22 -35.80 -30.97
C VAL B 58 -3.92 -35.08 -31.26
N ILE B 59 -4.03 -33.79 -31.55
CA ILE B 59 -2.86 -32.94 -31.79
C ILE B 59 -2.92 -31.98 -30.60
N PHE B 60 -1.82 -31.86 -29.87
CA PHE B 60 -1.78 -30.97 -28.71
C PHE B 60 -0.67 -29.95 -28.98
N ILE B 61 -0.95 -28.66 -28.80
CA ILE B 61 0.10 -27.65 -29.02
C ILE B 61 0.10 -26.65 -27.87
N ASP B 62 1.27 -26.25 -27.41
CA ASP B 62 1.32 -25.29 -26.31
C ASP B 62 2.40 -24.23 -26.47
N GLY B 63 2.25 -23.11 -25.77
CA GLY B 63 3.24 -22.07 -25.82
C GLY B 63 3.24 -21.27 -24.53
N GLY B 64 4.19 -20.36 -24.38
CA GLY B 64 4.21 -19.56 -23.18
C GLY B 64 4.85 -20.19 -21.95
N ILE B 65 5.51 -21.34 -22.13
CA ILE B 65 6.18 -22.02 -21.03
C ILE B 65 7.23 -21.05 -20.44
N HIS B 66 8.07 -20.51 -21.32
CA HIS B 66 9.10 -19.55 -20.95
C HIS B 66 8.52 -18.18 -21.19
N ALA B 67 8.45 -17.39 -20.13
CA ALA B 67 7.86 -16.05 -20.13
C ALA B 67 8.22 -15.04 -21.23
N ARG B 68 9.52 -14.82 -21.44
CA ARG B 68 10.03 -13.85 -22.41
C ARG B 68 9.81 -14.12 -23.92
N GLU B 69 9.58 -15.38 -24.29
CA GLU B 69 9.36 -15.74 -25.68
C GLU B 69 7.96 -15.39 -26.19
N TRP B 70 7.76 -14.08 -26.40
CA TRP B 70 6.48 -13.53 -26.84
C TRP B 70 5.87 -14.01 -28.16
N ILE B 71 6.70 -14.46 -29.12
CA ILE B 71 6.12 -14.91 -30.40
C ILE B 71 5.42 -16.28 -30.29
N SER B 72 5.80 -17.04 -29.27
CA SER B 72 5.22 -18.35 -29.01
C SER B 72 3.69 -18.39 -28.83
N PRO B 73 3.12 -17.60 -27.90
CA PRO B 73 1.66 -17.65 -27.74
C PRO B 73 0.83 -17.29 -28.97
N PRO B 74 1.15 -16.16 -29.65
CA PRO B 74 0.43 -15.69 -30.86
C PRO B 74 0.35 -16.81 -31.90
N SER B 75 1.43 -17.58 -31.98
CA SER B 75 1.51 -18.69 -32.91
C SER B 75 0.48 -19.76 -32.55
N VAL B 76 0.15 -19.89 -31.28
CA VAL B 76 -0.83 -20.89 -30.88
C VAL B 76 -2.24 -20.34 -30.98
N THR B 77 -2.43 -19.05 -30.72
CA THR B 77 -3.76 -18.45 -30.84
C THR B 77 -4.09 -18.35 -32.34
N TRP B 78 -3.05 -18.23 -33.16
CA TRP B 78 -3.28 -18.16 -34.58
C TRP B 78 -3.79 -19.51 -35.09
N ALA B 79 -3.23 -20.61 -34.57
CA ALA B 79 -3.68 -21.94 -34.97
C ALA B 79 -5.12 -22.15 -34.52
N ILE B 80 -5.49 -21.54 -33.40
CA ILE B 80 -6.86 -21.66 -32.90
C ILE B 80 -7.73 -20.93 -33.92
N HIS B 81 -7.23 -19.78 -34.37
CA HIS B 81 -7.92 -18.95 -35.36
C HIS B 81 -8.19 -19.71 -36.68
N LYS B 82 -7.20 -20.49 -37.13
CA LYS B 82 -7.25 -21.27 -38.37
C LYS B 82 -8.08 -22.52 -38.28
N LEU B 83 -8.25 -23.01 -37.05
CA LEU B 83 -9.01 -24.23 -36.80
C LEU B 83 -10.49 -23.93 -36.53
N VAL B 84 -10.79 -22.69 -36.18
CA VAL B 84 -12.16 -22.31 -35.83
C VAL B 84 -12.77 -21.14 -36.59
N GLU B 85 -12.03 -20.03 -36.65
CA GLU B 85 -12.53 -18.82 -37.29
C GLU B 85 -12.46 -18.78 -38.82
N ASP B 86 -11.27 -19.09 -39.35
CA ASP B 86 -11.03 -19.06 -40.79
C ASP B 86 -10.46 -20.41 -41.18
N VAL B 87 -11.34 -21.40 -41.29
CA VAL B 87 -10.96 -22.76 -41.65
C VAL B 87 -10.71 -22.94 -43.16
N THR B 88 -9.44 -23.19 -43.51
CA THR B 88 -9.06 -23.38 -44.90
C THR B 88 -8.44 -24.76 -45.16
N GLU B 89 -8.34 -25.57 -44.10
CA GLU B 89 -7.82 -26.93 -44.19
C GLU B 89 -8.86 -27.77 -43.44
N ASN B 90 -10.06 -27.82 -43.98
CA ASN B 90 -11.19 -28.53 -43.40
C ASN B 90 -10.89 -29.97 -42.92
N ASP B 91 -9.93 -30.63 -43.55
CA ASP B 91 -9.57 -31.99 -43.21
C ASP B 91 -8.76 -32.10 -41.91
N LEU B 92 -8.45 -30.96 -41.32
CA LEU B 92 -7.68 -30.96 -40.08
C LEU B 92 -8.64 -31.25 -38.90
N LEU B 93 -9.89 -30.84 -39.05
CA LEU B 93 -10.92 -31.07 -38.04
C LEU B 93 -11.64 -32.38 -38.34
N GLU B 94 -11.56 -32.85 -39.57
CA GLU B 94 -12.18 -34.11 -39.96
C GLU B 94 -11.33 -35.23 -39.36
N LYS B 95 -10.03 -35.02 -39.40
CA LYS B 95 -9.06 -35.99 -38.93
C LYS B 95 -8.69 -36.03 -37.45
N PHE B 96 -8.54 -34.86 -36.80
CA PHE B 96 -8.13 -34.84 -35.41
C PHE B 96 -8.93 -33.93 -34.49
N ASP B 97 -8.68 -34.12 -33.19
CA ASP B 97 -9.30 -33.30 -32.15
C ASP B 97 -8.12 -32.44 -31.74
N TRP B 98 -8.38 -31.23 -31.25
CA TRP B 98 -7.27 -30.36 -30.91
C TRP B 98 -7.30 -29.74 -29.52
N ILE B 99 -6.11 -29.62 -28.95
CA ILE B 99 -5.91 -28.99 -27.65
C ILE B 99 -4.83 -27.92 -27.85
N LEU B 100 -5.20 -26.67 -27.66
CA LEU B 100 -4.26 -25.55 -27.82
C LEU B 100 -4.13 -24.75 -26.51
N LEU B 101 -2.92 -24.65 -26.00
CA LEU B 101 -2.66 -23.93 -24.75
C LEU B 101 -1.63 -22.80 -24.96
N PRO B 102 -2.13 -21.58 -25.22
CA PRO B 102 -1.40 -20.33 -25.48
C PRO B 102 -0.30 -19.92 -24.51
N VAL B 103 -0.63 -19.85 -23.22
CA VAL B 103 0.36 -19.44 -22.21
C VAL B 103 0.41 -20.38 -21.00
N VAL B 104 1.33 -21.34 -21.06
CA VAL B 104 1.49 -22.30 -19.98
C VAL B 104 1.83 -21.56 -18.68
N ASN B 105 2.65 -20.53 -18.77
CA ASN B 105 3.10 -19.78 -17.60
C ASN B 105 2.59 -18.31 -17.58
N PRO B 106 1.33 -18.08 -17.16
CA PRO B 106 0.77 -16.72 -17.11
C PRO B 106 1.39 -15.77 -16.08
N ASP B 107 1.93 -16.30 -14.98
CA ASP B 107 2.52 -15.43 -13.97
C ASP B 107 3.79 -14.83 -14.55
N GLY B 108 4.61 -15.69 -15.17
CA GLY B 108 5.84 -15.23 -15.78
C GLY B 108 5.54 -14.31 -16.96
N TYR B 109 4.65 -14.74 -17.84
CA TYR B 109 4.28 -13.95 -19.01
C TYR B 109 3.84 -12.53 -18.62
N LYS B 110 2.92 -12.44 -17.67
CA LYS B 110 2.41 -11.16 -17.17
C LYS B 110 3.57 -10.36 -16.58
N TYR B 111 4.46 -11.06 -15.90
CA TYR B 111 5.61 -10.43 -15.25
C TYR B 111 6.59 -9.80 -16.25
N THR B 112 6.66 -10.34 -17.46
CA THR B 112 7.57 -9.76 -18.45
C THR B 112 7.01 -8.41 -18.92
N PHE B 113 5.71 -8.21 -18.74
CA PHE B 113 5.03 -6.97 -19.12
C PHE B 113 5.02 -5.96 -17.97
N THR B 114 4.85 -6.47 -16.76
CA THR B 114 4.78 -5.59 -15.61
C THR B 114 6.13 -5.20 -15.04
N ASN B 115 7.11 -6.09 -15.09
CA ASN B 115 8.38 -5.80 -14.47
C ASN B 115 9.67 -6.02 -15.21
N GLU B 116 9.84 -7.19 -15.82
CA GLU B 116 11.08 -7.48 -16.52
C GLU B 116 10.85 -8.28 -17.79
N ARG B 117 10.98 -7.61 -18.92
CA ARG B 117 10.79 -8.19 -20.25
C ARG B 117 11.41 -9.57 -20.47
N PHE B 118 12.60 -9.78 -19.92
CA PHE B 118 13.28 -11.06 -20.12
C PHE B 118 13.21 -12.09 -19.00
N TRP B 119 12.13 -12.06 -18.23
CA TRP B 119 11.95 -13.06 -17.19
C TRP B 119 11.64 -14.31 -18.00
N ARG B 120 12.18 -15.45 -17.56
CA ARG B 120 11.99 -16.71 -18.25
C ARG B 120 11.20 -17.77 -17.48
N LYS B 121 11.20 -17.69 -16.15
CA LYS B 121 10.54 -18.70 -15.32
C LYS B 121 9.12 -18.41 -14.88
N THR B 122 8.60 -19.33 -14.06
CA THR B 122 7.30 -19.17 -13.45
C THR B 122 7.58 -18.17 -12.30
N ARG B 123 6.60 -17.93 -11.44
CA ARG B 123 6.82 -16.97 -10.34
C ARG B 123 6.48 -17.54 -8.95
N SER B 124 6.74 -18.83 -8.78
CA SER B 124 6.45 -19.56 -7.55
C SER B 124 7.43 -19.42 -6.36
N THR B 125 6.88 -19.49 -5.15
CA THR B 125 7.68 -19.46 -3.92
C THR B 125 7.33 -20.77 -3.20
N ASN B 126 8.15 -21.15 -2.21
CA ASN B 126 7.88 -22.38 -1.47
C ASN B 126 8.39 -22.39 -0.02
N ASN B 127 8.41 -23.57 0.60
CA ASN B 127 8.87 -23.71 1.99
C ASN B 127 10.14 -22.88 2.19
N ASN B 128 11.19 -23.22 1.42
CA ASN B 128 12.47 -22.52 1.50
C ASN B 128 12.20 -21.03 1.55
N PRO B 129 12.80 -20.35 2.54
CA PRO B 129 12.54 -18.91 2.58
C PRO B 129 13.37 -18.16 1.53
N LEU B 130 14.32 -18.86 0.91
CA LEU B 130 15.15 -18.22 -0.11
C LEU B 130 14.33 -18.03 -1.39
N SER B 131 13.31 -18.84 -1.57
CA SER B 131 12.47 -18.76 -2.76
C SER B 131 11.55 -17.56 -2.70
N GLN B 132 11.66 -16.76 -1.65
CA GLN B 132 10.82 -15.58 -1.48
C GLN B 132 11.50 -14.51 -2.32
N ILE B 133 12.82 -14.64 -2.43
CA ILE B 133 13.63 -13.73 -3.22
C ILE B 133 13.76 -14.34 -4.61
N CYS B 134 14.08 -15.63 -4.62
CA CYS B 134 14.30 -16.41 -5.84
C CYS B 134 13.09 -17.22 -6.28
N ARG B 135 12.14 -16.57 -6.97
CA ARG B 135 10.92 -17.25 -7.39
C ARG B 135 10.95 -18.03 -8.71
N GLY B 136 9.89 -18.83 -8.88
CA GLY B 136 9.70 -19.64 -10.06
C GLY B 136 10.74 -20.69 -10.34
N ALA B 137 10.44 -21.51 -11.35
CA ALA B 137 11.36 -22.55 -11.76
C ALA B 137 11.27 -22.61 -13.28
N ASP B 138 12.33 -23.07 -13.92
CA ASP B 138 12.32 -23.19 -15.38
C ASP B 138 11.30 -24.26 -15.74
N GLY B 139 10.12 -23.81 -16.19
CA GLY B 139 9.06 -24.73 -16.55
C GLY B 139 9.48 -25.86 -17.48
N ASN B 140 10.47 -25.59 -18.34
CA ASN B 140 10.90 -26.60 -19.28
C ASN B 140 12.09 -27.39 -18.76
N ARG B 141 12.23 -27.42 -17.45
CA ARG B 141 13.26 -28.18 -16.76
C ARG B 141 12.50 -28.91 -15.65
N ASN B 142 11.19 -28.67 -15.63
CA ASN B 142 10.29 -29.20 -14.61
C ASN B 142 9.54 -30.51 -14.89
N PHE B 143 9.77 -31.14 -16.03
CA PHE B 143 9.07 -32.39 -16.32
C PHE B 143 9.88 -33.56 -15.79
N ASP B 144 9.18 -34.64 -15.48
CA ASP B 144 9.83 -35.82 -14.94
C ASP B 144 10.48 -36.67 -16.02
N PHE B 145 11.61 -36.20 -16.52
CA PHE B 145 12.38 -36.91 -17.53
C PHE B 145 13.83 -36.68 -17.10
N VAL B 146 14.47 -37.74 -16.58
CA VAL B 146 15.83 -37.68 -16.06
C VAL B 146 16.03 -36.35 -15.33
N TRP B 147 14.98 -35.98 -14.61
CA TRP B 147 14.92 -34.73 -13.88
C TRP B 147 16.18 -34.25 -13.16
N ASN B 148 16.53 -33.00 -13.44
CA ASN B 148 17.67 -32.32 -12.84
C ASN B 148 19.03 -32.95 -13.11
N SER B 149 19.07 -33.97 -13.96
CA SER B 149 20.31 -34.65 -14.25
C SER B 149 21.32 -33.80 -15.02
N ILE B 150 20.84 -32.95 -15.95
CA ILE B 150 21.75 -32.12 -16.76
C ILE B 150 21.04 -30.87 -17.31
N GLY B 151 21.81 -29.81 -17.58
CA GLY B 151 21.23 -28.58 -18.12
C GLY B 151 20.40 -27.77 -17.13
N THR B 152 20.76 -27.89 -15.84
CA THR B 152 20.03 -27.21 -14.79
C THR B 152 20.97 -26.59 -13.75
N SER B 153 20.39 -25.86 -12.78
CA SER B 153 21.16 -25.22 -11.71
C SER B 153 20.37 -25.39 -10.43
N ASN B 154 21.05 -25.76 -9.35
CA ASN B 154 20.39 -25.96 -8.07
C ASN B 154 20.06 -24.66 -7.38
N SER B 155 20.69 -23.58 -7.81
CA SER B 155 20.39 -22.27 -7.25
C SER B 155 18.96 -22.00 -7.69
N PRO B 156 18.12 -21.47 -6.79
CA PRO B 156 16.74 -21.19 -7.19
C PRO B 156 16.57 -19.86 -7.93
N CYS B 157 17.63 -19.03 -7.92
CA CYS B 157 17.59 -17.74 -8.61
C CYS B 157 18.12 -17.87 -10.04
N SER B 158 18.58 -19.08 -10.37
CA SER B 158 19.08 -19.42 -11.70
C SER B 158 17.89 -19.59 -12.64
N ASP B 159 18.03 -19.11 -13.87
CA ASP B 159 16.96 -19.22 -14.87
C ASP B 159 16.77 -20.64 -15.40
N ILE B 160 17.70 -21.54 -15.07
CA ILE B 160 17.60 -22.93 -15.48
C ILE B 160 17.39 -23.84 -14.25
N TYR B 161 16.79 -23.27 -13.21
CA TYR B 161 16.48 -23.96 -11.98
C TYR B 161 15.34 -24.91 -12.37
N ALA B 162 15.50 -26.20 -12.06
CA ALA B 162 14.51 -27.22 -12.39
C ALA B 162 13.33 -27.29 -11.43
N GLY B 163 13.40 -26.50 -10.36
CA GLY B 163 12.33 -26.52 -9.37
C GLY B 163 12.73 -27.34 -8.15
N THR B 164 11.80 -27.51 -7.22
CA THR B 164 12.08 -28.27 -6.01
C THR B 164 12.09 -29.78 -6.29
N SER B 165 11.20 -30.19 -7.19
CA SER B 165 11.10 -31.60 -7.60
C SER B 165 10.37 -31.62 -8.94
N ALA B 166 10.35 -32.78 -9.60
CA ALA B 166 9.67 -32.93 -10.87
C ALA B 166 8.21 -32.56 -10.68
N PHE B 167 7.69 -31.79 -11.63
CA PHE B 167 6.31 -31.31 -11.61
C PHE B 167 5.92 -30.51 -10.39
N SER B 168 6.90 -29.80 -9.81
CA SER B 168 6.69 -28.95 -8.62
C SER B 168 5.86 -27.71 -8.95
N GLU B 169 5.74 -27.38 -10.23
CA GLU B 169 4.97 -26.22 -10.65
C GLU B 169 3.60 -26.63 -11.14
N VAL B 170 2.56 -25.90 -10.75
CA VAL B 170 1.21 -26.18 -11.18
C VAL B 170 1.06 -26.10 -12.71
N GLU B 171 1.79 -25.16 -13.31
CA GLU B 171 1.78 -24.93 -14.75
C GLU B 171 2.23 -26.17 -15.52
N THR B 172 3.32 -26.73 -15.03
CA THR B 172 3.93 -27.93 -15.58
C THR B 172 3.04 -29.17 -15.47
N ARG B 173 2.28 -29.26 -14.37
CA ARG B 173 1.38 -30.41 -14.14
C ARG B 173 0.21 -30.36 -15.10
N VAL B 174 -0.21 -29.15 -15.46
CA VAL B 174 -1.31 -28.94 -16.39
C VAL B 174 -1.04 -29.60 -17.74
N VAL B 175 0.14 -29.37 -18.28
CA VAL B 175 0.49 -29.96 -19.57
C VAL B 175 0.70 -31.47 -19.38
N ARG B 176 1.30 -31.87 -18.24
CA ARG B 176 1.51 -33.29 -17.93
C ARG B 176 0.17 -34.03 -17.94
N ASP B 177 -0.84 -33.41 -17.36
CA ASP B 177 -2.18 -33.99 -17.30
C ASP B 177 -2.89 -34.09 -18.66
N ILE B 178 -2.61 -33.15 -19.57
CA ILE B 178 -3.24 -33.18 -20.90
C ILE B 178 -2.61 -34.34 -21.66
N LEU B 179 -1.29 -34.43 -21.59
CA LEU B 179 -0.57 -35.50 -22.26
C LEU B 179 -1.11 -36.85 -21.82
N HIS B 180 -1.19 -37.06 -20.50
CA HIS B 180 -1.68 -38.33 -19.98
C HIS B 180 -3.16 -38.58 -20.29
N GLU B 181 -4.02 -37.59 -20.02
CA GLU B 181 -5.44 -37.77 -20.31
C GLU B 181 -5.70 -38.18 -21.76
N HIS B 182 -4.86 -37.70 -22.68
CA HIS B 182 -5.05 -37.98 -24.09
C HIS B 182 -3.91 -38.79 -24.72
N LEU B 183 -3.12 -39.45 -23.88
CA LEU B 183 -1.97 -40.23 -24.35
C LEU B 183 -2.32 -41.34 -25.33
N ALA B 184 -3.43 -42.03 -25.07
CA ALA B 184 -3.83 -43.14 -25.93
C ALA B 184 -4.02 -42.77 -27.41
N ARG B 185 -4.26 -41.49 -27.70
CA ARG B 185 -4.46 -41.09 -29.07
C ARG B 185 -3.83 -39.78 -29.51
N MET B 186 -2.74 -39.38 -28.86
CA MET B 186 -2.04 -38.16 -29.23
C MET B 186 -1.05 -38.53 -30.34
N ALA B 187 -1.27 -38.00 -31.54
CA ALA B 187 -0.41 -38.33 -32.67
C ALA B 187 0.78 -37.39 -32.80
N LEU B 188 0.66 -36.21 -32.21
CA LEU B 188 1.71 -35.23 -32.28
C LEU B 188 1.57 -34.21 -31.16
N TYR B 189 2.72 -33.75 -30.68
CA TYR B 189 2.76 -32.73 -29.64
C TYR B 189 3.79 -31.69 -30.08
N LEU B 190 3.41 -30.42 -30.08
CA LEU B 190 4.33 -29.35 -30.42
C LEU B 190 4.36 -28.34 -29.28
N THR B 191 5.55 -28.02 -28.82
CA THR B 191 5.65 -27.03 -27.80
C THR B 191 6.37 -25.85 -28.43
N MET B 192 5.67 -24.71 -28.50
CA MET B 192 6.19 -23.50 -29.12
C MET B 192 7.13 -22.64 -28.28
N HIS B 193 8.34 -22.43 -28.80
CA HIS B 193 9.31 -21.60 -28.10
C HIS B 193 9.89 -20.49 -28.97
N SER B 194 11.02 -19.96 -28.56
CA SER B 194 11.73 -18.88 -29.25
C SER B 194 13.09 -18.81 -28.54
N PHE B 195 14.19 -18.53 -29.25
CA PHE B 195 14.25 -18.26 -30.69
C PHE B 195 15.40 -19.04 -31.33
N GLY B 196 15.41 -19.03 -32.67
CA GLY B 196 16.47 -19.68 -33.42
C GLY B 196 16.07 -20.40 -34.69
N SER B 197 14.78 -20.39 -35.01
CA SER B 197 14.28 -21.06 -36.21
C SER B 197 14.77 -22.51 -36.29
N MET B 198 14.16 -23.36 -35.47
CA MET B 198 14.52 -24.77 -35.41
C MET B 198 13.31 -25.64 -35.07
N ILE B 199 13.44 -26.91 -35.37
CA ILE B 199 12.40 -27.89 -35.09
C ILE B 199 13.23 -29.02 -34.50
N LEU B 200 13.14 -29.13 -33.17
CA LEU B 200 13.91 -30.12 -32.42
C LEU B 200 13.06 -31.29 -31.93
N TYR B 201 13.68 -32.47 -31.91
CA TYR B 201 13.02 -33.69 -31.47
C TYR B 201 13.98 -34.43 -30.53
N PRO B 202 13.45 -35.31 -29.65
CA PRO B 202 14.21 -36.09 -28.67
C PRO B 202 15.40 -36.85 -29.25
N TRP B 203 16.40 -37.19 -28.44
CA TRP B 203 16.46 -36.93 -27.00
C TRP B 203 17.40 -35.78 -26.59
N GLY B 204 16.85 -34.84 -25.83
CA GLY B 204 17.61 -33.67 -25.39
C GLY B 204 18.64 -33.78 -24.29
N HIS B 205 18.57 -34.85 -23.50
CA HIS B 205 19.52 -35.03 -22.39
C HIS B 205 20.86 -35.60 -22.82
N ASP B 206 20.86 -36.51 -23.77
CA ASP B 206 22.12 -37.12 -24.24
C ASP B 206 22.37 -37.02 -25.76
N GLY B 207 21.48 -36.32 -26.47
CA GLY B 207 21.63 -36.12 -27.90
C GLY B 207 21.69 -37.38 -28.73
N SER B 208 20.92 -38.40 -28.34
CA SER B 208 20.92 -39.65 -29.06
C SER B 208 19.57 -39.76 -29.72
N LEU B 209 19.43 -40.72 -30.63
CA LEU B 209 18.18 -40.92 -31.36
C LEU B 209 17.22 -41.87 -30.64
N SER B 210 15.93 -41.58 -30.78
CA SER B 210 14.91 -42.44 -30.19
C SER B 210 14.50 -43.43 -31.27
N GLN B 211 13.76 -44.47 -30.88
CA GLN B 211 13.33 -45.52 -31.80
C GLN B 211 12.51 -45.00 -32.98
N ASN B 212 11.99 -43.78 -32.86
CA ASN B 212 11.15 -43.19 -33.91
C ASN B 212 11.85 -42.01 -34.60
N ALA B 213 13.19 -42.06 -34.61
CA ALA B 213 14.00 -41.02 -35.23
C ALA B 213 13.67 -40.74 -36.71
N LEU B 214 13.36 -41.77 -37.48
CA LEU B 214 13.03 -41.59 -38.90
C LEU B 214 11.80 -40.69 -39.07
N GLY B 215 10.65 -41.13 -38.57
CA GLY B 215 9.45 -40.33 -38.69
C GLY B 215 9.60 -38.95 -38.06
N LEU B 216 10.42 -38.83 -37.02
CA LEU B 216 10.64 -37.55 -36.36
C LEU B 216 11.35 -36.55 -37.28
N HIS B 217 12.47 -36.97 -37.86
CA HIS B 217 13.26 -36.14 -38.76
C HIS B 217 12.55 -35.96 -40.11
N THR B 218 11.86 -37.00 -40.57
CA THR B 218 11.14 -36.90 -41.82
C THR B 218 10.10 -35.78 -41.76
N VAL B 219 9.15 -35.90 -40.84
CA VAL B 219 8.09 -34.89 -40.67
C VAL B 219 8.67 -33.54 -40.23
N GLY B 220 9.80 -33.58 -39.53
CA GLY B 220 10.44 -32.33 -39.11
C GLY B 220 10.93 -31.58 -40.35
N VAL B 221 11.64 -32.31 -41.22
CA VAL B 221 12.16 -31.78 -42.48
C VAL B 221 11.03 -31.30 -43.38
N ALA B 222 9.90 -32.01 -43.35
CA ALA B 222 8.74 -31.65 -44.16
C ALA B 222 8.04 -30.40 -43.65
N MET B 223 8.18 -30.11 -42.35
CA MET B 223 7.54 -28.92 -41.77
C MET B 223 8.37 -27.68 -42.05
N ALA B 224 9.68 -27.84 -41.88
CA ALA B 224 10.65 -26.79 -42.12
C ALA B 224 10.64 -26.41 -43.60
N SER B 225 10.20 -27.34 -44.44
CA SER B 225 10.14 -27.10 -45.87
C SER B 225 8.99 -26.19 -46.24
N VAL B 226 7.76 -26.54 -45.87
CA VAL B 226 6.64 -25.67 -46.18
C VAL B 226 6.74 -24.32 -45.46
N ILE B 227 7.64 -24.22 -44.48
CA ILE B 227 7.84 -22.96 -43.74
C ILE B 227 8.74 -22.05 -44.56
N GLN B 228 9.81 -22.62 -45.12
CA GLN B 228 10.76 -21.90 -45.98
C GLN B 228 9.98 -21.33 -47.15
N SER B 229 9.20 -22.20 -47.77
CA SER B 229 8.37 -21.85 -48.90
C SER B 229 7.45 -20.65 -48.65
N ASN B 230 7.12 -20.37 -47.39
CA ASN B 230 6.23 -19.25 -47.06
C ASN B 230 6.91 -18.14 -46.27
N ALA B 231 8.17 -18.36 -45.93
CA ALA B 231 8.94 -17.40 -45.14
C ALA B 231 9.33 -16.14 -45.94
N LEU B 232 9.70 -15.09 -45.21
CA LEU B 232 10.13 -13.82 -45.79
C LEU B 232 11.62 -14.00 -46.10
N PRO B 233 12.10 -13.35 -47.19
CA PRO B 233 13.48 -13.38 -47.69
C PRO B 233 14.58 -13.05 -46.67
N ASN B 234 14.25 -12.22 -45.69
CA ASN B 234 15.23 -11.82 -44.70
C ASN B 234 15.35 -12.70 -43.46
N PHE B 235 14.46 -13.70 -43.36
CA PHE B 235 14.45 -14.65 -42.23
C PHE B 235 15.43 -15.80 -42.44
N PRO B 236 16.13 -16.21 -41.37
CA PRO B 236 17.09 -17.32 -41.51
C PRO B 236 16.40 -18.62 -41.83
N PRO B 237 17.13 -19.56 -42.44
CA PRO B 237 16.49 -20.83 -42.77
C PRO B 237 16.29 -21.70 -41.51
N TYR B 238 15.32 -22.60 -41.55
CA TYR B 238 15.04 -23.50 -40.42
C TYR B 238 15.97 -24.70 -40.35
N THR B 239 16.38 -25.05 -39.13
CA THR B 239 17.26 -26.19 -38.90
C THR B 239 16.47 -27.28 -38.18
N VAL B 240 16.35 -28.44 -38.83
CA VAL B 240 15.64 -29.58 -38.25
C VAL B 240 16.70 -30.52 -37.70
N GLY B 241 16.37 -31.26 -36.64
CA GLY B 241 17.32 -32.20 -36.06
C GLY B 241 17.15 -32.47 -34.59
N ASN B 242 18.07 -33.28 -34.05
CA ASN B 242 18.03 -33.63 -32.64
C ASN B 242 18.26 -32.41 -31.76
N SER B 243 17.35 -32.19 -30.83
CA SER B 243 17.40 -31.07 -29.90
C SER B 243 18.78 -30.74 -29.34
N ALA B 244 19.46 -31.73 -28.79
CA ALA B 244 20.79 -31.45 -28.21
C ALA B 244 21.78 -31.06 -29.29
N LEU B 245 21.77 -31.81 -30.39
CA LEU B 245 22.68 -31.56 -31.48
C LEU B 245 22.44 -30.19 -32.14
N VAL B 246 21.20 -29.89 -32.54
CA VAL B 246 20.90 -28.60 -33.17
C VAL B 246 21.17 -27.45 -32.22
N ILE B 247 20.42 -27.38 -31.11
CA ILE B 247 20.65 -26.36 -30.09
C ILE B 247 22.05 -26.69 -29.58
N GLY B 248 22.72 -25.80 -28.86
CA GLY B 248 24.07 -26.16 -28.47
C GLY B 248 24.39 -27.03 -27.24
N TYR B 249 23.38 -27.52 -26.52
CA TYR B 249 23.66 -28.27 -25.29
C TYR B 249 22.62 -29.31 -24.89
N TYR B 250 22.90 -29.98 -23.78
CA TYR B 250 22.02 -31.02 -23.27
C TYR B 250 20.99 -30.48 -22.30
N ILE B 251 19.81 -31.10 -22.31
CA ILE B 251 18.70 -30.66 -21.47
C ILE B 251 17.90 -31.79 -20.83
N ALA B 252 17.66 -31.66 -19.53
CA ALA B 252 16.87 -32.62 -18.76
C ALA B 252 15.57 -31.93 -18.34
N GLY B 253 14.49 -32.71 -18.30
CA GLY B 253 13.20 -32.18 -17.87
C GLY B 253 12.39 -31.32 -18.82
N SER B 254 12.51 -31.53 -20.13
CA SER B 254 11.75 -30.74 -21.11
C SER B 254 10.39 -31.41 -21.39
N SER B 255 9.38 -30.62 -21.76
CA SER B 255 8.06 -31.19 -22.02
C SER B 255 8.08 -32.07 -23.26
N GLU B 256 8.91 -31.68 -24.23
CA GLU B 256 9.04 -32.40 -25.49
C GLU B 256 9.56 -33.82 -25.24
N ASP B 257 10.67 -33.92 -24.52
CA ASP B 257 11.27 -35.22 -24.18
C ASP B 257 10.38 -36.03 -23.27
N TYR B 258 9.77 -35.38 -22.29
CA TYR B 258 8.88 -36.09 -21.40
C TYR B 258 7.78 -36.77 -22.19
N ALA B 259 7.06 -36.01 -23.01
CA ALA B 259 5.96 -36.50 -23.82
C ALA B 259 6.38 -37.71 -24.67
N HIS B 260 7.61 -37.66 -25.19
CA HIS B 260 8.09 -38.76 -25.98
C HIS B 260 8.41 -39.98 -25.10
N SER B 261 8.91 -39.73 -23.89
CA SER B 261 9.24 -40.81 -22.94
C SER B 261 8.03 -41.66 -22.58
N ILE B 262 6.85 -41.04 -22.49
CA ILE B 262 5.62 -41.77 -22.17
C ILE B 262 4.94 -42.28 -23.42
N GLY B 263 5.58 -42.13 -24.57
CA GLY B 263 5.00 -42.67 -25.79
C GLY B 263 4.36 -41.84 -26.89
N VAL B 264 4.35 -40.50 -26.81
CA VAL B 264 3.78 -39.73 -27.92
C VAL B 264 4.78 -39.97 -29.06
N PRO B 265 4.32 -40.56 -30.18
CA PRO B 265 5.15 -40.87 -31.35
C PRO B 265 5.97 -39.69 -31.92
N LEU B 266 5.31 -38.54 -32.09
CA LEU B 266 5.96 -37.35 -32.62
C LEU B 266 5.80 -36.14 -31.69
N SER B 267 6.91 -35.64 -31.17
CA SER B 267 6.83 -34.47 -30.29
C SER B 267 8.05 -33.58 -30.57
N TYR B 268 7.78 -32.30 -30.83
CA TYR B 268 8.86 -31.37 -31.13
C TYR B 268 8.74 -30.07 -30.38
N THR B 269 9.87 -29.41 -30.22
CA THR B 269 9.85 -28.09 -29.64
C THR B 269 10.14 -27.19 -30.84
N TYR B 270 9.25 -26.26 -31.09
CA TYR B 270 9.41 -25.31 -32.18
C TYR B 270 10.11 -24.06 -31.65
N GLU B 271 11.31 -23.79 -32.13
CA GLU B 271 12.02 -22.58 -31.71
C GLU B 271 11.74 -21.53 -32.80
N LEU B 272 10.66 -20.77 -32.62
CA LEU B 272 10.25 -19.75 -33.57
C LEU B 272 11.38 -18.76 -33.94
N PRO B 273 11.16 -17.93 -34.96
CA PRO B 273 12.20 -16.98 -35.40
C PRO B 273 12.50 -15.76 -34.53
N GLY B 274 13.76 -15.36 -34.61
CA GLY B 274 14.26 -14.18 -33.94
C GLY B 274 15.13 -13.54 -35.00
N LEU B 275 15.16 -12.21 -35.09
CA LEU B 275 15.97 -11.57 -36.12
C LEU B 275 17.22 -10.88 -35.60
N SER B 276 17.66 -11.29 -34.43
CA SER B 276 18.86 -10.74 -33.82
C SER B 276 19.49 -11.77 -32.88
N SER B 277 20.77 -11.62 -32.64
CA SER B 277 21.52 -12.54 -31.80
C SER B 277 21.03 -12.61 -30.36
N GLY B 278 21.35 -11.58 -29.57
CA GLY B 278 20.98 -11.59 -28.17
C GLY B 278 19.52 -11.46 -27.79
N TRP B 279 19.31 -10.90 -26.59
CA TRP B 279 17.99 -10.68 -26.01
C TRP B 279 16.90 -10.26 -26.97
N ASP B 280 17.27 -9.46 -27.96
CA ASP B 280 16.31 -8.98 -28.96
C ASP B 280 15.69 -10.13 -29.76
N GLY B 281 16.36 -11.27 -29.77
CA GLY B 281 15.84 -12.43 -30.46
C GLY B 281 14.52 -12.90 -29.85
N PHE B 282 14.24 -12.48 -28.62
CA PHE B 282 12.99 -12.83 -27.93
C PHE B 282 11.91 -11.82 -28.29
N HIS B 283 12.33 -10.75 -28.95
CA HIS B 283 11.40 -9.71 -29.36
C HIS B 283 11.42 -9.46 -30.85
N LEU B 284 10.97 -10.45 -31.60
CA LEU B 284 10.89 -10.33 -33.04
C LEU B 284 10.11 -9.05 -33.26
N PRO B 285 10.56 -8.17 -34.19
CA PRO B 285 9.78 -6.94 -34.39
C PRO B 285 8.32 -7.23 -34.73
N PRO B 286 7.40 -6.48 -34.10
CA PRO B 286 5.94 -6.56 -34.23
C PRO B 286 5.35 -6.74 -35.61
N GLN B 287 5.95 -6.08 -36.61
CA GLN B 287 5.43 -6.18 -37.98
C GLN B 287 5.50 -7.59 -38.52
N TYR B 288 6.41 -8.38 -37.97
CA TYR B 288 6.60 -9.77 -38.41
C TYR B 288 5.77 -10.83 -37.69
N ILE B 289 5.09 -10.44 -36.61
CA ILE B 289 4.28 -11.39 -35.82
C ILE B 289 3.30 -12.18 -36.67
N GLU B 290 2.48 -11.47 -37.44
CA GLU B 290 1.49 -12.15 -38.26
C GLU B 290 2.09 -13.04 -39.32
N GLN B 291 3.24 -12.63 -39.87
CA GLN B 291 3.93 -13.42 -40.88
C GLN B 291 4.42 -14.71 -40.21
N VAL B 292 5.04 -14.58 -39.03
CA VAL B 292 5.55 -15.76 -38.34
C VAL B 292 4.43 -16.70 -37.91
N CYS B 293 3.28 -16.16 -37.54
CA CYS B 293 2.15 -17.02 -37.18
C CYS B 293 1.63 -17.73 -38.43
N ARG B 294 1.43 -17.00 -39.52
CA ARG B 294 0.93 -17.60 -40.74
C ARG B 294 1.84 -18.70 -41.31
N GLU B 295 3.15 -18.47 -41.28
CA GLU B 295 4.08 -19.46 -41.84
C GLU B 295 4.19 -20.70 -40.95
N THR B 296 4.25 -20.50 -39.64
CA THR B 296 4.35 -21.62 -38.70
C THR B 296 3.08 -22.46 -38.83
N TRP B 297 1.94 -21.80 -39.05
CA TRP B 297 0.69 -22.52 -39.24
C TRP B 297 0.79 -23.46 -40.44
N GLU B 298 1.58 -23.08 -41.44
CA GLU B 298 1.75 -23.96 -42.59
C GLU B 298 2.56 -25.19 -42.19
N GLY B 299 3.50 -25.01 -41.25
CA GLY B 299 4.29 -26.12 -40.77
C GLY B 299 3.43 -27.09 -39.96
N ILE B 300 2.49 -26.52 -39.20
CA ILE B 300 1.54 -27.26 -38.37
C ILE B 300 0.64 -28.13 -39.23
N VAL B 301 0.10 -27.56 -40.30
CA VAL B 301 -0.78 -28.29 -41.21
C VAL B 301 -0.07 -29.56 -41.67
N VAL B 302 1.11 -29.39 -42.25
CA VAL B 302 1.92 -30.52 -42.74
C VAL B 302 2.22 -31.51 -41.63
N GLY B 303 2.66 -30.99 -40.48
CA GLY B 303 2.97 -31.84 -39.33
C GLY B 303 1.76 -32.67 -38.93
N ALA B 304 0.59 -32.04 -38.84
CA ALA B 304 -0.62 -32.75 -38.46
C ALA B 304 -0.97 -33.84 -39.48
N ARG B 305 -1.10 -33.47 -40.76
CA ARG B 305 -1.41 -34.43 -41.83
C ARG B 305 -0.46 -35.62 -41.74
N ARG B 306 0.83 -35.30 -41.71
CA ARG B 306 1.89 -36.29 -41.63
C ARG B 306 1.78 -37.14 -40.37
N ALA B 307 1.60 -36.48 -39.23
CA ALA B 307 1.46 -37.16 -37.96
C ALA B 307 0.30 -38.17 -38.00
N GLY B 308 -0.85 -37.73 -38.52
CA GLY B 308 -1.99 -38.62 -38.62
C GLY B 308 -1.67 -39.83 -39.48
N ASP B 309 -0.95 -39.62 -40.58
CA ASP B 309 -0.56 -40.71 -41.48
C ASP B 309 0.25 -41.77 -40.76
N LEU B 310 1.26 -41.32 -40.02
CA LEU B 310 2.13 -42.23 -39.29
C LEU B 310 1.44 -42.95 -38.13
N PHE B 311 0.66 -42.20 -37.37
CA PHE B 311 -0.07 -42.73 -36.21
C PHE B 311 -1.07 -43.84 -36.58
N ARG B 312 -2.00 -43.53 -37.48
CA ARG B 312 -3.01 -44.50 -37.89
C ARG B 312 -3.20 -44.54 -39.41
#